data_6QAS
#
_entry.id   6QAS
#
_cell.length_a   74.241
_cell.length_b   74.241
_cell.length_c   222.310
_cell.angle_alpha   90.00
_cell.angle_beta   90.00
_cell.angle_gamma   90.00
#
_symmetry.space_group_name_H-M   'P 43 21 2'
#
loop_
_entity.id
_entity.type
_entity.pdbx_description
1 polymer 'Serine/threonine-protein kinase ULK1'
2 non-polymer 'SULFATE ION'
3 non-polymer 'CITRIC ACID'
4 non-polymer GLYCEROL
5 non-polymer 1,2-ETHANEDIOL
6 non-polymer N-{2-[(1S,4R)-6-{[4-(cyclobutylamino)-5-(trifluoromethyl)pyrimidin-2-yl]amino}-1,2,3,4-tetrahydro-1,4-epiminonaphthalen-9-yl]-2-oxoethyl}acetamide
7 water water
#
_entity_poly.entity_id   1
_entity_poly.type   'polypeptide(L)'
_entity_poly.pdbx_seq_one_letter_code
;GGGSMEPGRGGTETVGKFEFSRKDLIGHGAFAVVFKGRHRAAHDLEVAVKCINKKNLAKSQTLLGKEIKILKELKHENIV
ALYDFQEMAN(SEP)VYLVMEYCNGGDLADYLHAMRTLSEDTIRLFLQQIAGAMRLLHSKGIIHRDLKPQNILLSNPAGR
RANPNSIRVKIADFGFARYLQSNMMAA(TPO)LCGSPMYMAPEVIMSQHYDGKADLWSIGTIVYQCLTGKAPFQASSPQD
LRLFYEKNKTLVPTIPRETSAPLRQLLLALLQRNHKDRMDFDEFFHHPFLDASPS
;
_entity_poly.pdbx_strand_id   A,B
#
# COMPACT_ATOMS: atom_id res chain seq x y z
N THR A 12 12.10 -13.97 -13.90
CA THR A 12 13.32 -13.17 -13.54
C THR A 12 13.80 -12.38 -14.76
N GLU A 13 13.86 -11.06 -14.64
CA GLU A 13 14.53 -10.19 -15.64
C GLU A 13 15.80 -9.66 -15.00
N THR A 14 16.81 -9.35 -15.78
CA THR A 14 18.10 -8.87 -15.25
C THR A 14 18.38 -7.48 -15.81
N VAL A 15 18.94 -6.62 -14.97
CA VAL A 15 19.48 -5.31 -15.37
C VAL A 15 20.90 -5.22 -14.81
N GLY A 16 21.90 -5.30 -15.68
CA GLY A 16 23.30 -5.45 -15.27
C GLY A 16 23.40 -6.51 -14.18
N LYS A 17 23.89 -6.14 -13.00
CA LYS A 17 24.21 -7.07 -11.88
C LYS A 17 22.97 -7.34 -11.02
N PHE A 18 21.80 -6.86 -11.42
CA PHE A 18 20.57 -6.92 -10.61
C PHE A 18 19.53 -7.75 -11.30
N GLU A 19 18.56 -8.23 -10.55
CA GLU A 19 17.46 -9.03 -11.11
C GLU A 19 16.17 -8.75 -10.35
N PHE A 20 15.04 -8.96 -10.98
CA PHE A 20 13.73 -8.77 -10.35
C PHE A 20 12.72 -9.62 -11.09
N SER A 21 11.65 -9.91 -10.40
CA SER A 21 10.45 -10.57 -10.90
C SER A 21 9.33 -9.53 -10.93
N ARG A 22 8.60 -9.43 -12.05
CA ARG A 22 7.40 -8.56 -12.14
C ARG A 22 6.31 -9.03 -11.16
N LYS A 23 6.48 -10.18 -10.48
CA LYS A 23 5.57 -10.60 -9.37
C LYS A 23 5.72 -9.64 -8.20
N ASP A 24 6.90 -9.05 -8.00
CA ASP A 24 7.25 -8.35 -6.73
C ASP A 24 6.99 -6.86 -6.90
N LEU A 25 5.78 -6.51 -7.27
CA LEU A 25 5.40 -5.11 -7.48
C LEU A 25 5.36 -4.41 -6.13
N ILE A 26 6.04 -3.29 -5.96
CA ILE A 26 5.92 -2.50 -4.71
C ILE A 26 5.22 -1.17 -4.95
N GLY A 27 5.12 -0.72 -6.19
CA GLY A 27 4.38 0.50 -6.49
C GLY A 27 4.16 0.71 -7.95
N HIS A 28 3.09 1.43 -8.28
CA HIS A 28 2.53 1.63 -9.62
C HIS A 28 2.05 3.08 -9.68
N GLY A 29 2.50 3.85 -10.66
CA GLY A 29 1.88 5.12 -11.03
C GLY A 29 1.73 5.22 -12.53
N ALA A 30 1.14 6.31 -13.02
CA ALA A 30 0.92 6.54 -14.45
C ALA A 30 2.23 6.43 -15.22
N PHE A 31 3.39 6.76 -14.61
CA PHE A 31 4.64 6.98 -15.36
C PHE A 31 5.75 6.10 -14.87
N ALA A 32 5.47 5.19 -13.94
CA ALA A 32 6.50 4.26 -13.45
C ALA A 32 5.85 3.08 -12.74
N VAL A 33 6.46 1.95 -12.92
CA VAL A 33 6.17 0.72 -12.16
C VAL A 33 7.44 0.31 -11.45
N VAL A 34 7.31 -0.04 -10.19
CA VAL A 34 8.49 -0.33 -9.33
C VAL A 34 8.35 -1.73 -8.77
N PHE A 35 9.40 -2.51 -8.93
CA PHE A 35 9.50 -3.90 -8.45
C PHE A 35 10.62 -3.98 -7.44
N LYS A 36 10.45 -4.84 -6.45
CA LYS A 36 11.53 -5.20 -5.55
C LYS A 36 12.41 -6.19 -6.30
N GLY A 37 13.70 -6.01 -6.19
CA GLY A 37 14.69 -6.86 -6.84
C GLY A 37 15.84 -7.14 -5.91
N ARG A 38 16.89 -7.70 -6.45
CA ARG A 38 18.10 -8.00 -5.65
C ARG A 38 19.32 -8.01 -6.55
N HIS A 39 20.46 -7.86 -5.95
CA HIS A 39 21.74 -8.06 -6.63
C HIS A 39 21.87 -9.55 -6.95
N ARG A 40 22.38 -9.89 -8.12
CA ARG A 40 22.37 -11.29 -8.61
C ARG A 40 23.40 -12.11 -7.85
N ALA A 41 24.46 -11.49 -7.36
CA ALA A 41 25.53 -12.17 -6.60
C ALA A 41 25.26 -12.05 -5.09
N ALA A 42 24.95 -10.85 -4.61
CA ALA A 42 24.61 -10.61 -3.19
C ALA A 42 23.10 -10.55 -3.04
N HIS A 43 22.45 -11.71 -2.94
CA HIS A 43 20.97 -11.82 -2.94
C HIS A 43 20.37 -11.02 -1.78
N ASP A 44 21.14 -10.69 -0.74
CA ASP A 44 20.64 -9.93 0.43
C ASP A 44 20.65 -8.42 0.14
N LEU A 45 21.25 -7.96 -0.96
CA LEU A 45 21.14 -6.54 -1.34
C LEU A 45 19.83 -6.34 -2.09
N GLU A 46 18.86 -5.78 -1.41
CA GLU A 46 17.55 -5.45 -1.98
C GLU A 46 17.67 -4.18 -2.80
N VAL A 47 16.88 -4.13 -3.86
CA VAL A 47 16.80 -2.95 -4.72
C VAL A 47 15.35 -2.71 -5.09
N ALA A 48 15.07 -1.49 -5.54
CA ALA A 48 13.79 -1.13 -6.13
C ALA A 48 14.08 -0.86 -7.60
N VAL A 49 13.46 -1.59 -8.50
CA VAL A 49 13.72 -1.39 -9.94
C VAL A 49 12.57 -0.63 -10.52
N LYS A 50 12.82 0.60 -10.95
CA LYS A 50 11.78 1.43 -11.59
C LYS A 50 11.79 1.24 -13.11
N CYS A 51 10.61 1.03 -13.67
CA CYS A 51 10.41 0.61 -15.08
C CYS A 51 9.36 1.50 -15.70
N ILE A 52 9.36 1.53 -17.03
CA ILE A 52 8.37 2.27 -17.83
C ILE A 52 6.98 1.73 -17.48
N ASN A 53 6.01 2.63 -17.42
CA ASN A 53 4.58 2.25 -17.51
C ASN A 53 4.19 2.37 -18.98
N LYS A 54 3.98 1.23 -19.64
CA LYS A 54 3.73 1.19 -21.11
C LYS A 54 2.35 1.79 -21.43
N LYS A 55 1.50 2.03 -20.43
CA LYS A 55 0.22 2.77 -20.62
C LYS A 55 0.49 4.22 -21.01
N ASN A 56 1.64 4.77 -20.59
CA ASN A 56 2.06 6.15 -20.91
C ASN A 56 3.52 6.10 -21.37
N LEU A 57 3.80 5.36 -22.43
CA LEU A 57 5.17 4.96 -22.83
C LEU A 57 6.06 6.21 -22.98
N ALA A 58 5.67 7.18 -23.79
CA ALA A 58 6.55 8.30 -24.19
C ALA A 58 6.86 9.13 -22.95
N LYS A 59 5.84 9.44 -22.17
CA LYS A 59 6.00 10.34 -21.00
C LYS A 59 6.79 9.59 -19.92
N SER A 60 6.50 8.31 -19.71
CA SER A 60 7.22 7.45 -18.74
C SER A 60 8.70 7.42 -19.09
N GLN A 61 9.01 7.17 -20.34
CA GLN A 61 10.40 7.08 -20.83
C GLN A 61 11.10 8.41 -20.57
N THR A 62 10.43 9.51 -20.89
CA THR A 62 11.01 10.86 -20.71
C THR A 62 11.30 11.09 -19.22
N LEU A 63 10.34 10.80 -18.34
CA LEU A 63 10.47 11.11 -16.90
C LEU A 63 11.52 10.23 -16.24
N LEU A 64 11.60 8.97 -16.61
CA LEU A 64 12.62 8.07 -16.05
CA LEU A 64 12.63 8.08 -16.05
C LEU A 64 13.99 8.54 -16.53
N GLY A 65 14.09 8.99 -17.78
CA GLY A 65 15.36 9.49 -18.30
C GLY A 65 15.80 10.75 -17.54
N LYS A 66 14.86 11.64 -17.28
CA LYS A 66 15.16 12.87 -16.51
C LYS A 66 15.56 12.48 -15.09
N GLU A 67 14.88 11.52 -14.48
CA GLU A 67 15.21 11.08 -13.12
C GLU A 67 16.65 10.62 -13.08
N ILE A 68 17.08 9.81 -14.04
CA ILE A 68 18.48 9.35 -14.10
C ILE A 68 19.40 10.57 -14.15
N LYS A 69 19.14 11.46 -15.09
CA LYS A 69 19.97 12.66 -15.32
C LYS A 69 20.15 13.42 -14.03
N ILE A 70 19.10 13.59 -13.26
CA ILE A 70 19.15 14.34 -11.98
C ILE A 70 19.80 13.51 -10.88
N LEU A 71 19.37 12.27 -10.66
CA LEU A 71 19.87 11.46 -9.51
C LEU A 71 21.31 11.08 -9.66
N LYS A 72 21.80 10.96 -10.88
CA LYS A 72 23.23 10.64 -11.05
C LYS A 72 24.08 11.79 -10.48
N GLU A 73 23.50 12.95 -10.17
CA GLU A 73 24.32 14.07 -9.63
C GLU A 73 24.12 14.24 -8.13
N LEU A 74 23.29 13.39 -7.51
CA LEU A 74 22.81 13.58 -6.14
C LEU A 74 23.18 12.33 -5.34
N LYS A 75 24.14 12.46 -4.49
CA LYS A 75 24.46 11.39 -3.52
C LYS A 75 24.30 11.94 -2.12
N HIS A 76 23.42 11.31 -1.36
CA HIS A 76 23.10 11.78 0.01
C HIS A 76 22.34 10.69 0.70
N GLU A 77 22.51 10.56 2.00
CA GLU A 77 21.73 9.55 2.74
C GLU A 77 20.22 9.74 2.47
N ASN A 78 19.79 10.99 2.44
CA ASN A 78 18.35 11.31 2.48
C ASN A 78 17.85 11.57 1.07
N ILE A 79 18.53 11.04 0.07
CA ILE A 79 18.03 10.98 -1.32
C ILE A 79 18.13 9.52 -1.73
N VAL A 80 17.06 8.95 -2.22
CA VAL A 80 17.10 7.50 -2.57
C VAL A 80 18.25 7.31 -3.58
N ALA A 81 19.13 6.37 -3.30
CA ALA A 81 20.35 6.18 -4.08
C ALA A 81 20.02 5.55 -5.43
N LEU A 82 20.75 6.00 -6.46
CA LEU A 82 20.71 5.36 -7.78
C LEU A 82 21.91 4.43 -7.90
N TYR A 83 21.71 3.14 -7.74
CA TYR A 83 22.81 2.18 -7.78
C TYR A 83 23.30 2.02 -9.22
N ASP A 84 22.37 1.93 -10.15
CA ASP A 84 22.68 1.77 -11.57
C ASP A 84 21.41 2.07 -12.33
N PHE A 85 21.54 2.03 -13.63
CA PHE A 85 20.41 2.30 -14.51
C PHE A 85 20.75 1.71 -15.85
N GLN A 86 19.75 1.64 -16.69
CA GLN A 86 19.96 1.14 -18.06
C GLN A 86 18.99 1.87 -18.97
N GLU A 87 19.53 2.73 -19.82
CA GLU A 87 18.76 3.43 -20.84
C GLU A 87 19.09 2.81 -22.19
N MET A 88 18.06 2.33 -22.87
CA MET A 88 18.14 1.83 -24.24
C MET A 88 17.04 2.49 -25.06
N ALA A 89 16.99 2.19 -26.34
CA ALA A 89 16.05 2.86 -27.26
C ALA A 89 14.62 2.64 -26.77
N ASN A 90 14.27 1.46 -26.34
CA ASN A 90 12.83 1.14 -26.13
C ASN A 90 12.50 0.94 -24.67
N VAL A 92 13.85 1.77 -20.27
CA VAL A 92 14.66 2.44 -19.29
CA VAL A 92 14.69 2.42 -19.30
C VAL A 92 14.40 1.77 -17.95
N TYR A 93 15.45 1.51 -17.21
CA TYR A 93 15.37 0.95 -15.85
C TYR A 93 16.18 1.82 -14.94
N LEU A 94 15.71 2.01 -13.70
CA LEU A 94 16.52 2.58 -12.64
C LEU A 94 16.63 1.54 -11.53
N VAL A 95 17.84 1.27 -11.09
CA VAL A 95 18.08 0.36 -9.95
C VAL A 95 18.41 1.22 -8.77
N MET A 96 17.46 1.30 -7.85
CA MET A 96 17.54 2.19 -6.69
C MET A 96 17.66 1.43 -5.40
N GLU A 97 18.20 2.14 -4.43
CA GLU A 97 18.16 1.77 -3.02
C GLU A 97 16.75 1.32 -2.65
N TYR A 98 16.64 0.16 -2.00
CA TYR A 98 15.35 -0.30 -1.47
C TYR A 98 15.15 0.27 -0.08
N CYS A 99 14.06 0.98 0.12
CA CYS A 99 13.69 1.57 1.41
C CYS A 99 12.72 0.64 2.12
N ASN A 100 13.14 0.02 3.21
CA ASN A 100 12.38 -1.13 3.75
C ASN A 100 11.11 -0.68 4.49
N GLY A 101 10.93 0.63 4.71
CA GLY A 101 9.84 1.18 5.53
C GLY A 101 8.65 1.65 4.71
N GLY A 102 8.73 1.59 3.37
CA GLY A 102 7.68 2.14 2.49
C GLY A 102 7.61 3.66 2.58
N ASP A 103 6.46 4.23 2.33
CA ASP A 103 6.37 5.69 2.11
C ASP A 103 5.71 6.36 3.33
N LEU A 104 5.94 7.65 3.43
CA LEU A 104 5.42 8.45 4.57
C LEU A 104 3.91 8.54 4.50
N ALA A 105 3.31 8.50 3.31
CA ALA A 105 1.82 8.52 3.18
C ALA A 105 1.26 7.33 3.96
N ASP A 106 1.80 6.16 3.75
CA ASP A 106 1.27 4.93 4.42
C ASP A 106 1.59 4.99 5.91
N TYR A 107 2.78 5.45 6.28
CA TYR A 107 3.21 5.55 7.67
C TYR A 107 2.27 6.52 8.42
N LEU A 108 1.93 7.65 7.82
CA LEU A 108 1.00 8.63 8.45
C LEU A 108 -0.38 8.04 8.57
N HIS A 109 -0.84 7.29 7.55
CA HIS A 109 -2.18 6.67 7.59
C HIS A 109 -2.23 5.76 8.83
N ALA A 110 -1.17 5.01 9.12
CA ALA A 110 -1.16 4.06 10.25
C ALA A 110 -0.94 4.81 11.58
N MET A 111 -0.10 5.82 11.61
CA MET A 111 0.28 6.51 12.85
C MET A 111 -0.71 7.64 13.17
N ARG A 112 -1.47 8.10 12.18
CA ARG A 112 -2.44 9.23 12.27
C ARG A 112 -1.70 10.57 12.37
N THR A 113 -0.89 10.74 13.40
CA THR A 113 -0.04 11.95 13.57
C THR A 113 1.29 11.49 14.14
N LEU A 114 2.31 12.30 13.98
CA LEU A 114 3.67 12.02 14.51
C LEU A 114 3.99 13.00 15.62
N SER A 115 4.72 12.54 16.62
CA SER A 115 5.26 13.42 17.68
C SER A 115 6.13 14.50 17.03
N GLU A 116 6.30 15.61 17.71
CA GLU A 116 7.24 16.67 17.27
C GLU A 116 8.64 16.10 17.18
N ASP A 117 9.04 15.19 18.05
CA ASP A 117 10.42 14.66 18.03
C ASP A 117 10.60 13.86 16.74
N THR A 118 9.62 13.10 16.32
CA THR A 118 9.69 12.31 15.06
C THR A 118 9.68 13.27 13.88
N ILE A 119 8.83 14.27 13.92
CA ILE A 119 8.79 15.28 12.81
C ILE A 119 10.17 15.94 12.73
N ARG A 120 10.75 16.31 13.86
CA ARG A 120 12.08 16.91 13.87
C ARG A 120 13.10 15.98 13.24
N LEU A 121 13.14 14.72 13.67
CA LEU A 121 14.11 13.74 13.10
C LEU A 121 13.91 13.68 11.57
N PHE A 122 12.66 13.56 11.10
CA PHE A 122 12.40 13.43 9.65
C PHE A 122 12.81 14.73 8.93
N LEU A 123 12.46 15.87 9.50
CA LEU A 123 12.64 17.15 8.82
C LEU A 123 14.14 17.52 8.80
N GLN A 124 14.92 17.13 9.80
CA GLN A 124 16.38 17.35 9.78
C GLN A 124 16.96 16.66 8.55
N GLN A 125 16.44 15.46 8.28
CA GLN A 125 16.94 14.62 7.16
C GLN A 125 16.47 15.22 5.84
N ILE A 126 15.21 15.63 5.74
CA ILE A 126 14.70 16.29 4.52
C ILE A 126 15.52 17.56 4.28
N ALA A 127 15.81 18.34 5.34
CA ALA A 127 16.57 19.60 5.22
C ALA A 127 17.94 19.28 4.65
N GLY A 128 18.61 18.24 5.16
CA GLY A 128 19.92 17.84 4.63
C GLY A 128 19.87 17.56 3.14
N ALA A 129 18.89 16.83 2.67
CA ALA A 129 18.74 16.52 1.24
C ALA A 129 18.48 17.82 0.46
N MET A 130 17.64 18.71 1.01
CA MET A 130 17.33 19.97 0.34
C MET A 130 18.57 20.87 0.28
N ARG A 131 19.47 20.80 1.26
CA ARG A 131 20.73 21.56 1.21
C ARG A 131 21.52 21.15 -0.01
N LEU A 132 21.58 19.87 -0.29
CA LEU A 132 22.30 19.40 -1.47
C LEU A 132 21.59 19.90 -2.74
N LEU A 133 20.28 19.69 -2.86
CA LEU A 133 19.55 20.15 -4.07
C LEU A 133 19.83 21.63 -4.26
N HIS A 134 19.66 22.42 -3.22
CA HIS A 134 19.81 23.89 -3.31
C HIS A 134 21.23 24.27 -3.74
N SER A 135 22.24 23.58 -3.22
CA SER A 135 23.65 23.88 -3.57
CA SER A 135 23.67 23.83 -3.57
C SER A 135 23.91 23.54 -5.06
N LYS A 136 23.22 22.53 -5.61
CA LYS A 136 23.41 22.09 -7.00
C LYS A 136 22.53 22.93 -7.95
N GLY A 137 21.55 23.65 -7.41
CA GLY A 137 20.63 24.43 -8.24
C GLY A 137 19.47 23.61 -8.75
N ILE A 138 19.09 22.55 -8.05
CA ILE A 138 18.02 21.62 -8.47
C ILE A 138 16.78 21.87 -7.60
N ILE A 139 15.62 21.87 -8.24
CA ILE A 139 14.33 21.91 -7.53
C ILE A 139 13.59 20.61 -7.82
N HIS A 140 12.92 20.05 -6.82
CA HIS A 140 12.34 18.70 -6.92
C HIS A 140 10.99 18.75 -7.64
N ARG A 141 10.09 19.58 -7.12
CA ARG A 141 8.78 19.96 -7.71
C ARG A 141 7.71 18.89 -7.54
N ASP A 142 7.99 17.81 -6.85
CA ASP A 142 6.94 16.78 -6.66
C ASP A 142 7.04 16.23 -5.24
N LEU A 143 7.27 17.10 -4.26
CA LEU A 143 7.36 16.63 -2.88
C LEU A 143 5.95 16.40 -2.36
N LYS A 144 5.74 15.23 -1.81
CA LYS A 144 4.46 14.80 -1.23
C LYS A 144 4.82 13.60 -0.36
N PRO A 145 3.94 13.17 0.55
CA PRO A 145 4.31 12.05 1.42
C PRO A 145 4.63 10.78 0.65
N GLN A 146 3.99 10.54 -0.48
CA GLN A 146 4.22 9.32 -1.28
C GLN A 146 5.67 9.29 -1.78
N ASN A 147 6.34 10.45 -1.84
CA ASN A 147 7.73 10.53 -2.34
C ASN A 147 8.73 10.72 -1.20
N ILE A 148 8.30 10.58 0.03
CA ILE A 148 9.19 10.53 1.19
C ILE A 148 9.21 9.08 1.65
N LEU A 149 10.33 8.41 1.45
CA LEU A 149 10.46 6.97 1.78
C LEU A 149 11.21 6.80 3.09
N LEU A 150 10.89 5.71 3.78
CA LEU A 150 11.42 5.41 5.10
C LEU A 150 12.27 4.15 5.01
N SER A 151 13.40 4.17 5.71
CA SER A 151 14.32 3.01 5.75
C SER A 151 14.90 2.92 7.15
N ASN A 152 14.85 1.76 7.75
CA ASN A 152 15.45 1.58 9.08
C ASN A 152 16.63 0.64 8.91
N PRO A 153 17.85 1.12 9.14
CA PRO A 153 19.04 0.30 8.87
C PRO A 153 19.12 -0.92 9.78
N ALA A 154 18.40 -0.88 10.90
CA ALA A 154 18.33 -1.96 11.90
C ALA A 154 17.13 -2.86 11.59
N GLY A 155 16.39 -2.59 10.49
CA GLY A 155 15.25 -3.42 10.04
C GLY A 155 13.91 -2.85 10.46
N ARG A 156 12.83 -3.30 9.82
CA ARG A 156 11.47 -2.71 10.02
C ARG A 156 11.04 -2.75 11.49
N ARG A 157 11.45 -3.76 12.25
CA ARG A 157 10.90 -3.96 13.62
C ARG A 157 11.83 -3.31 14.65
N ALA A 158 12.83 -2.56 14.19
CA ALA A 158 13.81 -1.90 15.06
C ALA A 158 13.20 -0.65 15.67
N ASN A 159 13.97 -0.06 16.58
CA ASN A 159 13.63 1.21 17.23
C ASN A 159 13.25 2.26 16.15
N PRO A 160 12.05 2.89 16.26
CA PRO A 160 11.66 3.95 15.33
C PRO A 160 12.57 5.19 15.32
N ASN A 161 13.36 5.37 16.37
CA ASN A 161 14.34 6.49 16.48
C ASN A 161 15.39 6.32 15.39
N SER A 162 15.45 5.13 14.79
CA SER A 162 16.46 4.74 13.80
C SER A 162 15.93 4.92 12.36
N ILE A 163 14.67 5.37 12.17
CA ILE A 163 14.09 5.55 10.81
C ILE A 163 14.83 6.66 10.06
N ARG A 164 15.30 6.33 8.88
CA ARG A 164 16.00 7.30 7.99
C ARG A 164 15.02 7.62 6.86
N VAL A 165 15.00 8.86 6.44
CA VAL A 165 14.03 9.39 5.45
C VAL A 165 14.76 9.60 4.16
N LYS A 166 14.13 9.31 3.02
CA LYS A 166 14.77 9.52 1.70
C LYS A 166 13.78 10.15 0.75
N ILE A 167 14.21 11.20 0.13
CA ILE A 167 13.40 11.84 -0.94
C ILE A 167 13.52 10.99 -2.19
N ALA A 168 12.39 10.71 -2.83
CA ALA A 168 12.35 9.89 -4.05
C ALA A 168 11.67 10.65 -5.19
N ASP A 169 11.73 10.08 -6.37
CA ASP A 169 10.92 10.49 -7.53
C ASP A 169 11.37 11.85 -8.02
N PHE A 170 12.49 11.85 -8.69
CA PHE A 170 13.11 13.07 -9.25
C PHE A 170 12.77 13.29 -10.71
N GLY A 171 11.73 12.65 -11.26
CA GLY A 171 11.42 12.72 -12.68
C GLY A 171 10.93 14.09 -13.11
N PHE A 172 10.44 14.90 -12.17
CA PHE A 172 9.93 16.27 -12.44
C PHE A 172 10.94 17.33 -12.05
N ALA A 173 12.07 16.92 -11.55
CA ALA A 173 13.09 17.82 -11.00
C ALA A 173 13.75 18.54 -12.18
N ARG A 174 14.27 19.72 -11.91
CA ARG A 174 15.05 20.46 -12.92
C ARG A 174 16.09 21.32 -12.22
N TYR A 175 17.10 21.66 -12.99
CA TYR A 175 17.98 22.79 -12.67
C TYR A 175 17.23 24.06 -12.89
N LEU A 176 17.44 25.00 -12.02
CA LEU A 176 16.94 26.37 -12.19
C LEU A 176 18.10 27.30 -11.97
N GLN A 177 18.47 28.01 -13.01
CA GLN A 177 19.49 29.05 -12.94
C GLN A 177 19.01 30.13 -11.97
N SER A 178 19.92 30.74 -11.21
CA SER A 178 19.51 31.57 -10.04
C SER A 178 18.80 32.84 -10.52
N ASN A 179 18.94 33.26 -11.77
CA ASN A 179 18.25 34.46 -12.31
C ASN A 179 17.01 34.08 -13.12
N MET A 180 16.60 32.82 -13.05
CA MET A 180 15.45 32.31 -13.85
CA MET A 180 15.46 32.30 -13.85
C MET A 180 14.34 31.83 -12.92
N MET A 181 13.14 31.71 -13.47
CA MET A 181 12.00 31.11 -12.77
CA MET A 181 12.02 31.08 -12.76
C MET A 181 11.47 29.94 -13.62
N ALA A 182 10.89 28.97 -12.98
CA ALA A 182 10.23 27.84 -13.63
C ALA A 182 8.75 28.16 -13.80
N ALA A 183 8.10 27.45 -14.70
CA ALA A 183 6.66 27.66 -14.94
C ALA A 183 5.92 26.36 -15.24
N LEU A 185 3.73 23.14 -14.73
CA LEU A 185 2.85 22.64 -13.71
C LEU A 185 3.30 21.24 -13.32
N CYS A 186 3.79 21.10 -12.12
CA CYS A 186 4.35 19.88 -11.53
C CYS A 186 3.78 19.69 -10.14
N GLY A 187 3.69 18.43 -9.72
CA GLY A 187 3.44 18.10 -8.34
C GLY A 187 2.05 17.64 -8.10
N SER A 188 1.71 17.49 -6.84
CA SER A 188 0.42 17.02 -6.36
C SER A 188 -0.34 18.22 -5.83
N PRO A 189 -1.56 18.54 -6.33
CA PRO A 189 -2.20 19.82 -5.99
C PRO A 189 -2.24 20.18 -4.50
N MET A 190 -2.45 19.21 -3.60
CA MET A 190 -2.56 19.51 -2.16
C MET A 190 -1.21 19.93 -1.60
N TYR A 191 -0.09 19.64 -2.29
CA TYR A 191 1.28 19.98 -1.84
C TYR A 191 1.90 21.09 -2.69
N MET A 192 1.24 21.50 -3.77
CA MET A 192 1.74 22.56 -4.67
C MET A 192 1.78 23.89 -3.95
N ALA A 193 2.84 24.64 -4.10
CA ALA A 193 2.85 26.04 -3.64
C ALA A 193 1.75 26.78 -4.39
N PRO A 194 1.18 27.81 -3.76
CA PRO A 194 0.16 28.64 -4.43
C PRO A 194 0.61 29.10 -5.82
N GLU A 195 1.84 29.56 -5.94
CA GLU A 195 2.36 30.13 -7.20
C GLU A 195 2.37 29.04 -8.27
N VAL A 196 2.59 27.78 -7.88
CA VAL A 196 2.60 26.69 -8.87
C VAL A 196 1.14 26.46 -9.33
N ILE A 197 0.22 26.28 -8.40
CA ILE A 197 -1.14 25.84 -8.81
C ILE A 197 -1.86 27.01 -9.48
N MET A 198 -1.44 28.23 -9.22
CA MET A 198 -2.01 29.43 -9.87
C MET A 198 -1.30 29.71 -11.20
N SER A 199 -0.44 28.80 -11.67
CA SER A 199 0.21 28.87 -13.00
C SER A 199 1.06 30.11 -13.09
N GLN A 200 1.71 30.46 -12.00
CA GLN A 200 2.66 31.56 -11.98
C GLN A 200 4.08 31.01 -12.13
N HIS A 201 5.03 31.91 -12.29
CA HIS A 201 6.44 31.55 -12.22
C HIS A 201 6.83 31.25 -10.77
N TYR A 202 7.75 30.34 -10.58
CA TYR A 202 8.15 29.94 -9.22
C TYR A 202 9.62 29.58 -9.21
N ASP A 203 10.12 29.32 -8.01
CA ASP A 203 11.53 28.94 -7.84
C ASP A 203 11.60 27.84 -6.78
N GLY A 204 12.80 27.65 -6.23
CA GLY A 204 13.02 26.57 -5.24
C GLY A 204 12.14 26.74 -4.02
N LYS A 205 11.66 27.95 -3.74
CA LYS A 205 10.82 28.15 -2.53
C LYS A 205 9.50 27.45 -2.68
N ALA A 206 9.10 27.06 -3.89
CA ALA A 206 7.87 26.27 -4.04
C ALA A 206 8.01 24.93 -3.28
N ASP A 207 9.18 24.30 -3.32
CA ASP A 207 9.41 23.03 -2.57
C ASP A 207 9.26 23.27 -1.05
N LEU A 208 9.62 24.47 -0.56
CA LEU A 208 9.53 24.77 0.87
C LEU A 208 8.06 24.83 1.30
N TRP A 209 7.18 25.31 0.45
CA TRP A 209 5.74 25.22 0.71
C TRP A 209 5.32 23.77 0.80
N SER A 210 5.74 22.94 -0.14
CA SER A 210 5.38 21.51 -0.12
C SER A 210 5.85 20.88 1.20
N ILE A 211 7.06 21.20 1.62
CA ILE A 211 7.61 20.65 2.88
C ILE A 211 6.78 21.13 4.04
N GLY A 212 6.39 22.40 4.06
CA GLY A 212 5.54 22.91 5.12
C GLY A 212 4.22 22.15 5.16
N THR A 213 3.64 21.84 4.00
CA THR A 213 2.36 21.08 3.95
C THR A 213 2.57 19.67 4.54
N ILE A 214 3.64 19.03 4.17
CA ILE A 214 3.97 17.68 4.69
C ILE A 214 4.13 17.74 6.21
N VAL A 215 4.89 18.70 6.73
CA VAL A 215 5.14 18.81 8.19
C VAL A 215 3.80 19.02 8.88
N TYR A 216 2.96 19.90 8.34
CA TYR A 216 1.66 20.23 8.94
C TYR A 216 0.79 18.97 8.98
N GLN A 217 0.82 18.21 7.91
CA GLN A 217 0.04 16.95 7.82
C GLN A 217 0.58 15.96 8.85
N CYS A 218 1.90 15.83 8.99
CA CYS A 218 2.52 14.97 10.03
C CYS A 218 1.98 15.37 11.42
N LEU A 219 1.88 16.66 11.67
CA LEU A 219 1.55 17.19 13.00
C LEU A 219 0.07 17.01 13.29
N THR A 220 -0.81 17.25 12.31
CA THR A 220 -2.27 17.41 12.56
C THR A 220 -3.06 16.23 11.99
N GLY A 221 -2.52 15.57 10.98
CA GLY A 221 -3.20 14.53 10.20
C GLY A 221 -4.04 15.11 9.09
N LYS A 222 -3.98 16.43 8.84
CA LYS A 222 -4.79 17.05 7.76
C LYS A 222 -3.96 18.07 7.00
N ALA A 223 -4.49 18.47 5.86
CA ALA A 223 -4.02 19.59 5.02
C ALA A 223 -4.17 20.88 5.80
N PRO A 224 -3.23 21.84 5.67
CA PRO A 224 -3.43 23.13 6.29
C PRO A 224 -4.56 23.93 5.63
N PHE A 225 -4.82 23.69 4.34
CA PHE A 225 -5.81 24.42 3.51
C PHE A 225 -6.60 23.37 2.76
N GLN A 226 -7.77 23.02 3.29
CA GLN A 226 -8.62 21.90 2.76
C GLN A 226 -9.44 22.45 1.60
N ALA A 227 -9.66 21.67 0.57
CA ALA A 227 -10.53 22.01 -0.58
C ALA A 227 -11.13 20.73 -1.18
N SER A 228 -12.26 20.85 -1.89
CA SER A 228 -13.01 19.70 -2.45
C SER A 228 -12.28 19.14 -3.69
N SER A 229 -11.49 19.99 -4.37
CA SER A 229 -10.81 19.65 -5.65
C SER A 229 -9.58 20.54 -5.82
N PRO A 230 -8.64 20.18 -6.72
CA PRO A 230 -7.54 21.09 -7.10
C PRO A 230 -8.05 22.45 -7.56
N GLN A 231 -9.12 22.48 -8.38
CA GLN A 231 -9.75 23.71 -8.92
CA GLN A 231 -9.60 23.78 -8.91
C GLN A 231 -10.19 24.60 -7.74
N ASP A 232 -10.83 23.97 -6.77
CA ASP A 232 -11.33 24.67 -5.55
C ASP A 232 -10.13 25.22 -4.76
N LEU A 233 -9.06 24.44 -4.65
CA LEU A 233 -7.84 24.89 -3.90
C LEU A 233 -7.23 26.09 -4.60
N ARG A 234 -7.08 26.01 -5.92
CA ARG A 234 -6.57 27.12 -6.74
C ARG A 234 -7.43 28.37 -6.47
N LEU A 235 -8.76 28.23 -6.51
CA LEU A 235 -9.68 29.40 -6.31
C LEU A 235 -9.46 29.98 -4.91
N PHE A 236 -9.33 29.12 -3.91
CA PHE A 236 -9.08 29.51 -2.51
C PHE A 236 -7.80 30.35 -2.42
N TYR A 237 -6.71 29.87 -3.02
CA TYR A 237 -5.44 30.60 -3.04
C TYR A 237 -5.60 31.93 -3.80
N GLU A 238 -6.31 31.91 -4.91
CA GLU A 238 -6.49 33.11 -5.76
C GLU A 238 -7.22 34.17 -4.93
N LYS A 239 -8.20 33.75 -4.14
CA LYS A 239 -9.14 34.66 -3.44
C LYS A 239 -8.54 35.13 -2.12
N ASN A 240 -7.63 34.37 -1.53
CA ASN A 240 -7.11 34.68 -0.16
C ASN A 240 -5.64 35.09 -0.24
N LYS A 241 -5.36 36.39 -0.16
CA LYS A 241 -4.00 36.94 -0.41
C LYS A 241 -3.15 36.82 0.85
N THR A 242 -3.77 36.54 1.99
CA THR A 242 -3.08 36.09 3.23
C THR A 242 -3.58 34.68 3.53
N LEU A 243 -2.67 33.75 3.80
CA LEU A 243 -3.02 32.39 4.22
C LEU A 243 -2.39 32.17 5.58
N VAL A 244 -3.18 31.91 6.61
CA VAL A 244 -2.64 31.53 7.94
C VAL A 244 -3.17 30.17 8.29
N PRO A 245 -2.29 29.17 8.43
CA PRO A 245 -2.71 27.85 8.86
C PRO A 245 -3.10 27.94 10.34
N THR A 246 -4.07 27.14 10.75
CA THR A 246 -4.43 26.93 12.17
C THR A 246 -3.34 26.07 12.80
N ILE A 247 -2.59 26.63 13.75
CA ILE A 247 -1.57 25.86 14.52
C ILE A 247 -2.21 25.42 15.83
N PRO A 248 -2.29 24.11 16.11
CA PRO A 248 -2.75 23.65 17.41
C PRO A 248 -2.01 24.31 18.57
N ARG A 249 -2.71 24.69 19.62
CA ARG A 249 -2.11 25.49 20.73
C ARG A 249 -1.05 24.66 21.48
N GLU A 250 -1.07 23.32 21.41
CA GLU A 250 -0.03 22.44 22.03
C GLU A 250 1.30 22.48 21.23
N THR A 251 1.31 23.10 20.08
CA THR A 251 2.51 23.09 19.18
C THR A 251 3.66 23.84 19.83
N SER A 252 4.88 23.30 19.76
CA SER A 252 6.06 24.00 20.30
C SER A 252 6.26 25.30 19.53
N ALA A 253 6.87 26.28 20.14
CA ALA A 253 7.07 27.60 19.49
C ALA A 253 7.90 27.43 18.23
N PRO A 254 9.03 26.69 18.25
CA PRO A 254 9.82 26.55 17.03
C PRO A 254 9.03 25.90 15.89
N LEU A 255 8.20 24.91 16.16
CA LEU A 255 7.44 24.26 15.08
C LEU A 255 6.36 25.21 14.60
N ARG A 256 5.70 25.92 15.49
CA ARG A 256 4.73 26.95 15.11
C ARG A 256 5.38 27.91 14.12
N GLN A 257 6.53 28.45 14.49
CA GLN A 257 7.18 29.50 13.66
C GLN A 257 7.67 28.90 12.33
N LEU A 258 8.16 27.67 12.35
CA LEU A 258 8.57 26.98 11.11
C LEU A 258 7.38 26.86 10.17
N LEU A 259 6.24 26.38 10.67
CA LEU A 259 5.04 26.18 9.82
C LEU A 259 4.60 27.53 9.27
N LEU A 260 4.53 28.54 10.12
CA LEU A 260 4.03 29.86 9.70
C LEU A 260 4.90 30.43 8.58
N ALA A 261 6.21 30.22 8.66
CA ALA A 261 7.17 30.79 7.71
C ALA A 261 7.22 29.97 6.42
N LEU A 262 6.98 28.66 6.49
CA LEU A 262 6.98 27.85 5.28
C LEU A 262 5.64 28.09 4.54
N LEU A 263 4.55 28.17 5.27
CA LEU A 263 3.21 28.28 4.64
C LEU A 263 2.84 29.74 4.44
N GLN A 264 3.76 30.50 3.89
CA GLN A 264 3.53 31.87 3.39
C GLN A 264 3.04 31.77 1.95
N ARG A 265 1.88 32.35 1.68
CA ARG A 265 1.27 32.31 0.33
C ARG A 265 2.24 32.88 -0.70
N ASN A 266 2.87 34.00 -0.38
CA ASN A 266 3.70 34.76 -1.36
C ASN A 266 5.15 34.33 -1.21
N HIS A 267 5.74 33.85 -2.29
CA HIS A 267 7.06 33.16 -2.22
C HIS A 267 8.10 34.18 -1.72
N LYS A 268 7.91 35.46 -2.04
CA LYS A 268 8.86 36.50 -1.56
C LYS A 268 8.88 36.53 -0.02
N ASP A 269 7.77 36.27 0.63
CA ASP A 269 7.65 36.34 2.11
C ASP A 269 8.02 34.99 2.76
N ARG A 270 8.10 33.95 1.98
CA ARG A 270 8.29 32.60 2.51
C ARG A 270 9.72 32.41 3.01
N MET A 271 9.87 31.59 4.04
CA MET A 271 11.17 31.19 4.61
C MET A 271 12.15 30.98 3.47
N ASP A 272 13.35 31.49 3.56
CA ASP A 272 14.36 31.12 2.52
C ASP A 272 15.15 29.90 2.99
N PHE A 273 16.00 29.40 2.14
CA PHE A 273 16.68 28.11 2.42
C PHE A 273 17.61 28.25 3.62
N ASP A 274 18.36 29.34 3.71
CA ASP A 274 19.32 29.48 4.84
C ASP A 274 18.55 29.46 6.18
N GLU A 275 17.40 30.10 6.21
CA GLU A 275 16.53 30.14 7.40
C GLU A 275 16.02 28.73 7.70
N PHE A 276 15.65 27.99 6.67
CA PHE A 276 15.16 26.60 6.83
C PHE A 276 16.28 25.72 7.41
N PHE A 277 17.46 25.73 6.80
CA PHE A 277 18.56 24.82 7.22
C PHE A 277 18.96 25.08 8.66
N HIS A 278 18.85 26.31 9.15
CA HIS A 278 19.33 26.74 10.48
C HIS A 278 18.15 26.99 11.41
N HIS A 279 16.96 26.48 11.08
CA HIS A 279 15.73 26.84 11.81
C HIS A 279 15.82 26.26 13.23
N PRO A 280 15.46 27.07 14.24
CA PRO A 280 15.48 26.58 15.63
C PRO A 280 14.74 25.27 15.87
N PHE A 281 13.72 24.96 15.10
CA PHE A 281 12.97 23.68 15.24
C PHE A 281 13.97 22.52 15.01
N LEU A 282 14.88 22.70 14.08
CA LEU A 282 15.81 21.61 13.69
C LEU A 282 16.94 21.45 14.71
N ASP A 283 17.24 22.44 15.58
CA ASP A 283 18.38 22.25 16.50
C ASP A 283 17.86 22.11 17.92
N ALA A 284 16.55 21.88 18.08
CA ALA A 284 15.87 21.69 19.38
C ALA A 284 16.11 20.24 19.86
N SER A 285 16.21 20.02 21.18
CA SER A 285 16.57 18.73 21.81
C SER A 285 15.37 17.77 21.76
N THR B 12 -18.41 13.30 -8.42
CA THR B 12 -19.13 12.44 -7.42
C THR B 12 -20.18 11.58 -8.14
N GLU B 13 -20.11 10.27 -7.97
CA GLU B 13 -21.17 9.36 -8.46
C GLU B 13 -21.98 8.87 -7.28
N THR B 14 -23.23 8.46 -7.51
CA THR B 14 -24.12 7.98 -6.43
C THR B 14 -24.53 6.57 -6.76
N VAL B 15 -24.61 5.74 -5.75
CA VAL B 15 -25.28 4.42 -5.79
C VAL B 15 -26.27 4.38 -4.65
N GLY B 16 -27.57 4.42 -4.98
CA GLY B 16 -28.64 4.70 -4.03
C GLY B 16 -28.22 5.84 -3.09
N LYS B 17 -28.14 5.54 -1.81
CA LYS B 17 -27.95 6.52 -0.71
C LYS B 17 -26.45 6.73 -0.43
N PHE B 18 -25.57 6.22 -1.29
CA PHE B 18 -24.11 6.35 -1.11
C PHE B 18 -23.53 7.16 -2.25
N GLU B 19 -22.32 7.67 -2.03
CA GLU B 19 -21.62 8.47 -3.04
C GLU B 19 -20.13 8.20 -2.95
N PHE B 20 -19.44 8.37 -4.06
CA PHE B 20 -17.99 8.16 -4.11
C PHE B 20 -17.44 9.00 -5.25
N SER B 21 -16.17 9.30 -5.15
CA SER B 21 -15.38 9.92 -6.23
C SER B 21 -14.45 8.86 -6.79
N ARG B 22 -14.37 8.71 -8.11
CA ARG B 22 -13.34 7.84 -8.76
C ARG B 22 -11.92 8.32 -8.45
N LYS B 23 -11.75 9.49 -7.81
CA LYS B 23 -10.43 9.94 -7.30
C LYS B 23 -9.99 9.06 -6.14
N ASP B 24 -10.93 8.50 -5.36
CA ASP B 24 -10.64 7.82 -4.07
C ASP B 24 -10.50 6.31 -4.32
N LEU B 25 -9.61 5.95 -5.21
CA LEU B 25 -9.38 4.54 -5.55
C LEU B 25 -8.63 3.89 -4.38
N ILE B 26 -9.11 2.77 -3.88
CA ILE B 26 -8.43 2.01 -2.81
C ILE B 26 -7.95 0.68 -3.31
N GLY B 27 -8.36 0.25 -4.50
CA GLY B 27 -8.04 -1.11 -4.97
C GLY B 27 -8.43 -1.32 -6.40
N HIS B 28 -7.65 -2.12 -7.13
CA HIS B 28 -7.81 -2.33 -8.59
C HIS B 28 -7.35 -3.76 -8.89
N GLY B 29 -8.21 -4.57 -9.51
CA GLY B 29 -7.82 -5.87 -10.05
C GLY B 29 -8.43 -6.09 -11.41
N ALA B 30 -8.19 -7.24 -12.01
CA ALA B 30 -8.66 -7.58 -13.35
C ALA B 30 -10.18 -7.49 -13.38
N PHE B 31 -10.87 -7.74 -12.27
CA PHE B 31 -12.33 -8.01 -12.27
C PHE B 31 -13.09 -7.06 -11.37
N ALA B 32 -12.41 -6.08 -10.77
CA ALA B 32 -13.06 -5.10 -9.91
C ALA B 32 -12.19 -3.89 -9.67
N VAL B 33 -12.84 -2.75 -9.49
CA VAL B 33 -12.21 -1.49 -9.10
C VAL B 33 -12.98 -0.99 -7.90
N VAL B 34 -12.26 -0.62 -6.86
CA VAL B 34 -12.87 -0.30 -5.54
C VAL B 34 -12.50 1.11 -5.13
N PHE B 35 -13.51 1.87 -4.73
CA PHE B 35 -13.37 3.29 -4.31
C PHE B 35 -13.86 3.42 -2.89
N LYS B 36 -13.20 4.28 -2.13
CA LYS B 36 -13.73 4.71 -0.83
C LYS B 36 -14.86 5.70 -1.08
N GLY B 37 -15.94 5.56 -0.35
CA GLY B 37 -17.11 6.43 -0.49
C GLY B 37 -17.75 6.67 0.84
N ARG B 38 -18.93 7.23 0.85
CA ARG B 38 -19.63 7.51 2.11
C ARG B 38 -21.12 7.50 1.87
N HIS B 39 -21.86 7.40 2.95
CA HIS B 39 -23.30 7.60 2.93
C HIS B 39 -23.58 9.09 2.66
N ARG B 40 -24.60 9.37 1.88
CA ARG B 40 -24.84 10.76 1.41
C ARG B 40 -25.31 11.64 2.57
N ALA B 41 -26.01 11.08 3.54
CA ALA B 41 -26.53 11.82 4.70
C ALA B 41 -25.56 11.66 5.87
N ALA B 42 -25.22 10.43 6.22
CA ALA B 42 -24.34 10.12 7.37
C ALA B 42 -22.91 10.01 6.86
N HIS B 43 -22.25 11.14 6.68
CA HIS B 43 -20.93 11.24 5.99
C HIS B 43 -19.90 10.42 6.74
N ASP B 44 -20.16 10.10 8.02
CA ASP B 44 -19.21 9.33 8.85
C ASP B 44 -19.37 7.82 8.65
N LEU B 45 -20.36 7.37 7.88
CA LEU B 45 -20.36 5.98 7.43
C LEU B 45 -19.53 5.92 6.15
N GLU B 46 -18.30 5.41 6.28
CA GLU B 46 -17.41 5.17 5.17
C GLU B 46 -17.81 3.84 4.54
N VAL B 47 -17.67 3.76 3.24
CA VAL B 47 -17.98 2.53 2.49
C VAL B 47 -16.93 2.29 1.45
N ALA B 48 -16.86 1.03 1.00
CA ALA B 48 -16.05 0.64 -0.17
C ALA B 48 -17.03 0.35 -1.30
N VAL B 49 -16.91 1.05 -2.39
CA VAL B 49 -17.79 0.80 -3.56
C VAL B 49 -17.03 -0.02 -4.56
N LYS B 50 -17.46 -1.23 -4.81
CA LYS B 50 -16.80 -2.11 -5.79
C LYS B 50 -17.55 -2.04 -7.12
N CYS B 51 -16.83 -1.76 -8.19
CA CYS B 51 -17.34 -1.53 -9.55
C CYS B 51 -16.71 -2.50 -10.53
N ILE B 52 -17.32 -2.63 -11.68
CA ILE B 52 -16.81 -3.47 -12.79
C ILE B 52 -15.47 -2.92 -13.26
N ASN B 53 -14.63 -3.81 -13.70
CA ASN B 53 -13.43 -3.46 -14.51
C ASN B 53 -13.83 -3.67 -15.97
N LYS B 54 -14.03 -2.58 -16.70
CA LYS B 54 -14.51 -2.59 -18.12
C LYS B 54 -13.50 -3.28 -19.04
N LYS B 55 -12.25 -3.50 -18.59
CA LYS B 55 -11.22 -4.27 -19.35
C LYS B 55 -11.65 -5.73 -19.45
N ASN B 56 -12.44 -6.20 -18.49
CA ASN B 56 -12.91 -7.62 -18.40
C ASN B 56 -14.41 -7.59 -18.10
N LEU B 57 -15.20 -6.90 -18.93
CA LEU B 57 -16.59 -6.51 -18.59
C LEU B 57 -17.40 -7.77 -18.22
N ALA B 58 -17.43 -8.79 -19.07
CA ALA B 58 -18.37 -9.92 -18.88
C ALA B 58 -18.00 -10.67 -17.59
N LYS B 59 -16.72 -10.96 -17.42
CA LYS B 59 -16.26 -11.75 -16.26
C LYS B 59 -16.44 -10.91 -14.99
N SER B 60 -16.15 -9.63 -15.04
CA SER B 60 -16.29 -8.71 -13.90
C SER B 60 -17.76 -8.68 -13.46
N GLN B 61 -18.66 -8.51 -14.41
CA GLN B 61 -20.11 -8.48 -14.15
C GLN B 61 -20.52 -9.76 -13.47
N THR B 62 -20.05 -10.90 -14.00
CA THR B 62 -20.39 -12.23 -13.45
C THR B 62 -19.90 -12.33 -12.00
N LEU B 63 -18.65 -11.98 -11.75
CA LEU B 63 -18.04 -12.16 -10.41
C LEU B 63 -18.64 -11.21 -9.38
N LEU B 64 -18.93 -9.97 -9.76
CA LEU B 64 -19.58 -9.02 -8.82
C LEU B 64 -20.99 -9.54 -8.54
N GLY B 65 -21.69 -10.06 -9.55
CA GLY B 65 -23.03 -10.61 -9.30
C GLY B 65 -22.98 -11.81 -8.35
N LYS B 66 -21.97 -12.67 -8.49
CA LYS B 66 -21.83 -13.83 -7.59
C LYS B 66 -21.50 -13.33 -6.17
N GLU B 67 -20.67 -12.32 -6.07
CA GLU B 67 -20.29 -11.76 -4.76
C GLU B 67 -21.55 -11.28 -4.05
N ILE B 68 -22.42 -10.57 -4.77
CA ILE B 68 -23.70 -10.10 -4.19
C ILE B 68 -24.48 -11.32 -3.69
N LYS B 69 -24.66 -12.31 -4.54
CA LYS B 69 -25.45 -13.52 -4.25
C LYS B 69 -24.98 -14.17 -2.96
N ILE B 70 -23.67 -14.28 -2.78
CA ILE B 70 -23.08 -14.94 -1.60
C ILE B 70 -23.13 -14.00 -0.38
N LEU B 71 -22.71 -12.77 -0.49
CA LEU B 71 -22.62 -11.87 0.70
C LEU B 71 -24.00 -11.52 1.25
N LYS B 72 -25.03 -11.51 0.41
CA LYS B 72 -26.43 -11.39 0.86
C LYS B 72 -26.72 -12.40 1.95
N GLU B 73 -26.04 -13.55 1.94
CA GLU B 73 -26.40 -14.68 2.80
C GLU B 73 -25.47 -14.75 4.01
N LEU B 74 -24.47 -13.86 4.08
CA LEU B 74 -23.44 -13.95 5.14
C LEU B 74 -23.46 -12.67 5.96
N LYS B 75 -23.87 -12.79 7.18
CA LYS B 75 -23.79 -11.69 8.14
C LYS B 75 -22.92 -12.14 9.30
N HIS B 76 -21.75 -11.56 9.43
CA HIS B 76 -20.79 -11.94 10.46
C HIS B 76 -19.85 -10.77 10.72
N GLU B 77 -19.44 -10.59 11.96
CA GLU B 77 -18.53 -9.46 12.27
C GLU B 77 -17.18 -9.63 11.54
N ASN B 78 -16.81 -10.84 11.13
CA ASN B 78 -15.51 -11.05 10.50
C ASN B 78 -15.68 -11.33 9.02
N ILE B 79 -16.82 -10.94 8.44
CA ILE B 79 -17.03 -10.97 6.96
C ILE B 79 -17.45 -9.59 6.55
N VAL B 80 -16.82 -9.05 5.55
CA VAL B 80 -17.13 -7.69 5.08
CA VAL B 80 -17.13 -7.70 5.03
C VAL B 80 -18.64 -7.58 4.84
N ALA B 81 -19.23 -6.55 5.41
CA ALA B 81 -20.68 -6.34 5.31
C ALA B 81 -21.04 -5.82 3.92
N LEU B 82 -22.19 -6.25 3.42
CA LEU B 82 -22.77 -5.69 2.17
C LEU B 82 -23.91 -4.80 2.56
N TYR B 83 -23.75 -3.49 2.44
CA TYR B 83 -24.78 -2.54 2.89
C TYR B 83 -25.87 -2.43 1.81
N ASP B 84 -25.45 -2.40 0.56
CA ASP B 84 -26.37 -2.26 -0.59
C ASP B 84 -25.64 -2.68 -1.82
N PHE B 85 -26.37 -2.68 -2.93
CA PHE B 85 -25.80 -3.06 -4.22
C PHE B 85 -26.76 -2.59 -5.29
N GLN B 86 -26.28 -2.61 -6.51
CA GLN B 86 -27.11 -2.24 -7.67
C GLN B 86 -26.67 -3.05 -8.85
N GLU B 87 -27.54 -3.94 -9.30
CA GLU B 87 -27.32 -4.76 -10.50
C GLU B 87 -28.26 -4.28 -11.58
N MET B 88 -27.73 -3.88 -12.71
CA MET B 88 -28.50 -3.52 -13.90
C MET B 88 -27.94 -4.30 -15.10
N ALA B 89 -28.54 -4.12 -16.26
CA ALA B 89 -28.16 -4.91 -17.45
C ALA B 89 -26.66 -4.70 -17.73
N ASN B 90 -26.15 -3.49 -17.61
CA ASN B 90 -24.80 -3.21 -18.15
C ASN B 90 -23.83 -2.85 -17.03
N VAL B 92 -22.86 -3.16 -12.45
CA VAL B 92 -23.08 -3.72 -11.15
C VAL B 92 -22.18 -2.94 -10.19
N TYR B 93 -22.72 -2.60 -9.04
CA TYR B 93 -22.00 -1.94 -7.91
C TYR B 93 -22.30 -2.68 -6.64
N LEU B 94 -21.31 -2.82 -5.76
CA LEU B 94 -21.51 -3.29 -4.39
C LEU B 94 -21.10 -2.17 -3.46
N VAL B 95 -21.91 -1.91 -2.47
CA VAL B 95 -21.56 -0.97 -1.39
C VAL B 95 -21.29 -1.79 -0.15
N MET B 96 -20.01 -1.84 0.23
CA MET B 96 -19.56 -2.67 1.35
C MET B 96 -18.95 -1.85 2.48
N GLU B 97 -18.91 -2.45 3.63
CA GLU B 97 -18.14 -1.99 4.79
C GLU B 97 -16.76 -1.53 4.34
N TYR B 98 -16.36 -0.32 4.77
CA TYR B 98 -14.98 0.16 4.58
C TYR B 98 -14.11 -0.34 5.74
N CYS B 99 -13.03 -0.99 5.40
CA CYS B 99 -12.05 -1.53 6.35
C CYS B 99 -10.86 -0.56 6.40
N ASN B 100 -10.80 0.24 7.43
CA ASN B 100 -9.88 1.42 7.42
C ASN B 100 -8.44 1.00 7.60
N GLY B 101 -8.17 -0.28 7.89
CA GLY B 101 -6.81 -0.79 8.11
C GLY B 101 -6.20 -1.39 6.86
N GLY B 102 -6.91 -1.39 5.72
CA GLY B 102 -6.41 -1.98 4.47
C GLY B 102 -6.32 -3.49 4.57
N ASP B 103 -5.40 -4.12 3.87
CA ASP B 103 -5.41 -5.59 3.77
C ASP B 103 -4.20 -6.16 4.52
N LEU B 104 -4.27 -7.43 4.84
CA LEU B 104 -3.21 -8.09 5.63
C LEU B 104 -1.91 -8.15 4.83
N ALA B 105 -1.97 -8.25 3.50
CA ALA B 105 -0.74 -8.25 2.67
C ALA B 105 0.04 -6.95 2.94
N ASP B 106 -0.66 -5.84 2.96
CA ASP B 106 -0.01 -4.53 3.14
C ASP B 106 0.45 -4.39 4.60
N TYR B 107 -0.34 -4.85 5.55
CA TYR B 107 0.02 -4.81 6.98
C TYR B 107 1.29 -5.64 7.22
N LEU B 108 1.40 -6.80 6.59
CA LEU B 108 2.60 -7.66 6.72
C LEU B 108 3.82 -6.95 6.12
N HIS B 109 3.64 -6.30 4.97
CA HIS B 109 4.75 -5.52 4.35
C HIS B 109 5.28 -4.51 5.37
N ALA B 110 4.42 -3.90 6.17
CA ALA B 110 4.81 -2.89 7.18
C ALA B 110 5.46 -3.57 8.40
N MET B 111 4.93 -4.69 8.85
CA MET B 111 5.32 -5.30 10.13
C MET B 111 6.45 -6.32 9.92
N ARG B 112 6.67 -6.76 8.67
CA ARG B 112 7.57 -7.86 8.26
C ARG B 112 6.97 -9.20 8.67
N THR B 113 6.80 -9.44 9.97
CA THR B 113 6.17 -10.67 10.50
C THR B 113 5.36 -10.28 11.71
N LEU B 114 4.43 -11.13 12.09
CA LEU B 114 3.57 -10.94 13.24
C LEU B 114 3.95 -11.89 14.35
N SER B 115 3.81 -11.45 15.57
CA SER B 115 3.96 -12.29 16.76
C SER B 115 2.94 -13.42 16.69
N GLU B 116 3.24 -14.52 17.35
CA GLU B 116 2.27 -15.62 17.50
C GLU B 116 1.00 -15.10 18.16
N ASP B 117 1.10 -14.18 19.12
CA ASP B 117 -0.12 -13.69 19.82
C ASP B 117 -1.01 -12.96 18.80
N THR B 118 -0.43 -12.16 17.92
CA THR B 118 -1.20 -11.40 16.91
C THR B 118 -1.78 -12.39 15.89
N ILE B 119 -0.99 -13.35 15.48
CA ILE B 119 -1.48 -14.39 14.56
C ILE B 119 -2.69 -15.09 15.18
N ARG B 120 -2.61 -15.44 16.45
CA ARG B 120 -3.72 -16.09 17.16
C ARG B 120 -4.95 -15.18 17.12
N LEU B 121 -4.80 -13.90 17.46
CA LEU B 121 -5.96 -12.98 17.48
C LEU B 121 -6.58 -12.94 16.08
N PHE B 122 -5.77 -12.81 15.04
CA PHE B 122 -6.30 -12.70 13.66
C PHE B 122 -6.96 -14.03 13.27
N LEU B 123 -6.31 -15.14 13.59
CA LEU B 123 -6.74 -16.46 13.14
C LEU B 123 -8.03 -16.85 13.85
N GLN B 124 -8.23 -16.42 15.10
CA GLN B 124 -9.48 -16.69 15.84
C GLN B 124 -10.64 -16.05 15.07
N GLN B 125 -10.39 -14.86 14.52
CA GLN B 125 -11.42 -14.09 13.80
C GLN B 125 -11.66 -14.73 12.45
N ILE B 126 -10.60 -15.12 11.73
CA ILE B 126 -10.77 -15.88 10.46
C ILE B 126 -11.57 -17.15 10.74
N ALA B 127 -11.25 -17.87 11.80
CA ALA B 127 -11.92 -19.14 12.13
C ALA B 127 -13.41 -18.88 12.37
N GLY B 128 -13.76 -17.82 13.11
CA GLY B 128 -15.16 -17.47 13.35
C GLY B 128 -15.90 -17.28 12.04
N ALA B 129 -15.34 -16.54 11.09
CA ALA B 129 -15.93 -16.35 9.75
C ALA B 129 -16.08 -17.72 9.08
N MET B 130 -15.03 -18.52 9.10
CA MET B 130 -15.04 -19.82 8.42
C MET B 130 -16.06 -20.77 9.09
N ARG B 131 -16.31 -20.67 10.39
CA ARG B 131 -17.38 -21.50 11.02
C ARG B 131 -18.71 -21.20 10.32
N LEU B 132 -18.97 -19.94 10.03
CA LEU B 132 -20.23 -19.58 9.37
C LEU B 132 -20.22 -20.12 7.95
N LEU B 133 -19.17 -19.88 7.18
CA LEU B 133 -19.14 -20.38 5.78
C LEU B 133 -19.38 -21.90 5.81
N HIS B 134 -18.71 -22.58 6.69
CA HIS B 134 -18.75 -24.06 6.73
C HIS B 134 -20.19 -24.51 7.05
N SER B 135 -20.83 -23.85 8.00
CA SER B 135 -22.20 -24.20 8.42
C SER B 135 -23.16 -23.95 7.25
N LYS B 136 -22.93 -22.93 6.44
CA LYS B 136 -23.81 -22.56 5.30
CA LYS B 136 -23.81 -22.57 5.30
C LYS B 136 -23.50 -23.44 4.09
N GLY B 137 -22.37 -24.17 4.10
CA GLY B 137 -21.95 -24.99 2.95
C GLY B 137 -21.28 -24.19 1.87
N ILE B 138 -20.59 -23.11 2.22
CA ILE B 138 -19.95 -22.21 1.23
C ILE B 138 -18.44 -22.40 1.32
N ILE B 139 -17.79 -22.43 0.18
CA ILE B 139 -16.32 -22.42 0.12
C ILE B 139 -15.93 -21.10 -0.56
N HIS B 140 -14.90 -20.45 -0.03
CA HIS B 140 -14.52 -19.08 -0.47
C HIS B 140 -13.73 -19.15 -1.76
N ARG B 141 -12.67 -19.96 -1.77
CA ARG B 141 -11.88 -20.31 -2.96
C ARG B 141 -10.91 -19.21 -3.40
N ASP B 142 -10.83 -18.09 -2.69
CA ASP B 142 -9.90 -17.03 -3.06
C ASP B 142 -9.28 -16.43 -1.80
N LEU B 143 -9.01 -17.24 -0.80
CA LEU B 143 -8.38 -16.73 0.42
C LEU B 143 -6.89 -16.51 0.13
N LYS B 144 -6.47 -15.32 0.45
CA LYS B 144 -5.08 -14.85 0.31
C LYS B 144 -4.97 -13.61 1.19
N PRO B 145 -3.75 -13.18 1.52
CA PRO B 145 -3.61 -12.05 2.42
C PRO B 145 -4.32 -10.80 1.94
N GLN B 146 -4.36 -10.57 0.62
CA GLN B 146 -4.99 -9.39 0.03
C GLN B 146 -6.51 -9.36 0.35
N ASN B 147 -7.09 -10.49 0.66
CA ASN B 147 -8.57 -10.64 0.88
C ASN B 147 -8.87 -10.79 2.36
N ILE B 148 -7.88 -10.58 3.22
CA ILE B 148 -8.11 -10.47 4.66
C ILE B 148 -7.98 -8.99 4.96
N LEU B 149 -9.09 -8.33 5.19
CA LEU B 149 -9.09 -6.86 5.44
C LEU B 149 -9.05 -6.59 6.96
N LEU B 150 -8.59 -5.41 7.31
CA LEU B 150 -8.32 -5.04 8.71
C LEU B 150 -9.08 -3.77 9.01
N SER B 151 -9.68 -3.71 10.18
CA SER B 151 -10.48 -2.55 10.64
C SER B 151 -10.07 -2.24 12.06
N ASN B 152 -10.00 -0.97 12.42
CA ASN B 152 -9.74 -0.65 13.83
C ASN B 152 -10.53 0.60 14.20
N PRO B 153 -10.69 0.90 15.50
CA PRO B 153 -11.50 2.05 15.90
C PRO B 153 -10.90 3.37 15.39
N ALA B 154 -11.75 4.23 14.84
CA ALA B 154 -11.36 5.46 14.08
C ALA B 154 -10.64 6.46 15.00
N GLY B 155 -10.67 6.23 16.32
CA GLY B 155 -10.15 7.17 17.33
C GLY B 155 -8.63 7.28 17.33
N ARG B 156 -7.90 6.20 17.03
CA ARG B 156 -6.52 6.02 17.54
C ARG B 156 -5.67 5.15 16.60
N ARG B 157 -4.39 5.01 16.90
CA ARG B 157 -3.49 4.06 16.21
C ARG B 157 -3.99 2.65 16.47
N ALA B 158 -4.04 1.84 15.42
CA ALA B 158 -4.33 0.39 15.50
C ALA B 158 -3.24 -0.29 16.30
N ASN B 159 -3.63 -1.24 17.13
CA ASN B 159 -2.67 -2.18 17.75
C ASN B 159 -3.25 -3.56 17.52
N PRO B 160 -2.42 -4.61 17.49
CA PRO B 160 -2.92 -5.93 17.09
C PRO B 160 -4.15 -6.34 17.91
N ASN B 161 -4.27 -5.92 19.17
CA ASN B 161 -5.47 -6.28 19.99
C ASN B 161 -6.72 -5.53 19.56
N SER B 162 -6.61 -4.38 18.90
CA SER B 162 -7.79 -3.56 18.51
C SER B 162 -8.24 -3.95 17.09
N ILE B 163 -7.41 -4.70 16.35
CA ILE B 163 -7.64 -4.89 14.90
C ILE B 163 -8.73 -5.95 14.74
N ARG B 164 -9.73 -5.63 13.95
CA ARG B 164 -10.76 -6.62 13.59
C ARG B 164 -10.50 -7.07 12.14
N VAL B 165 -10.58 -8.36 11.91
CA VAL B 165 -10.31 -8.99 10.60
C VAL B 165 -11.64 -9.14 9.90
N LYS B 166 -11.68 -8.88 8.59
CA LYS B 166 -12.87 -9.18 7.77
C LYS B 166 -12.42 -9.91 6.52
N ILE B 167 -13.00 -11.05 6.29
CA ILE B 167 -12.78 -11.78 5.02
C ILE B 167 -13.56 -11.05 3.93
N ALA B 168 -12.91 -10.83 2.78
CA ALA B 168 -13.53 -10.12 1.66
C ALA B 168 -13.44 -10.94 0.36
N ASP B 169 -14.02 -10.44 -0.69
CA ASP B 169 -13.84 -10.93 -2.07
C ASP B 169 -14.46 -12.30 -2.20
N PHE B 170 -15.77 -12.32 -2.26
CA PHE B 170 -16.56 -13.55 -2.35
C PHE B 170 -17.01 -13.85 -3.78
N GLY B 171 -16.39 -13.21 -4.80
CA GLY B 171 -16.79 -13.41 -6.21
C GLY B 171 -16.58 -14.84 -6.72
N PHE B 172 -15.66 -15.57 -6.10
CA PHE B 172 -15.35 -16.97 -6.53
C PHE B 172 -15.98 -18.00 -5.63
N ALA B 173 -16.66 -17.56 -4.60
CA ALA B 173 -17.26 -18.46 -3.61
C ALA B 173 -18.40 -19.26 -4.24
N ARG B 174 -18.67 -20.42 -3.72
CA ARG B 174 -19.79 -21.24 -4.17
C ARG B 174 -20.30 -22.06 -3.02
N TYR B 175 -21.54 -22.47 -3.17
CA TYR B 175 -22.06 -23.54 -2.34
C TYR B 175 -21.52 -24.87 -2.84
N LEU B 176 -21.23 -25.74 -1.92
CA LEU B 176 -20.83 -27.11 -2.25
C LEU B 176 -21.53 -28.05 -1.30
N GLN B 177 -22.37 -28.88 -1.86
CA GLN B 177 -23.11 -29.88 -1.09
C GLN B 177 -22.11 -30.80 -0.37
N SER B 178 -22.49 -31.30 0.81
CA SER B 178 -21.54 -31.94 1.74
C SER B 178 -20.91 -33.21 1.13
N ASN B 179 -21.56 -33.87 0.21
CA ASN B 179 -21.05 -35.11 -0.41
C ASN B 179 -20.52 -34.84 -1.83
N MET B 180 -20.31 -33.59 -2.19
CA MET B 180 -19.89 -33.23 -3.56
CA MET B 180 -19.90 -33.21 -3.57
C MET B 180 -18.51 -32.58 -3.53
N MET B 181 -17.87 -32.53 -4.68
CA MET B 181 -16.56 -31.87 -4.81
C MET B 181 -16.64 -30.81 -5.91
N ALA B 182 -15.86 -29.77 -5.77
CA ALA B 182 -15.74 -28.69 -6.77
C ALA B 182 -14.54 -28.98 -7.66
N ALA B 183 -14.48 -28.37 -8.83
CA ALA B 183 -13.33 -28.58 -9.74
C ALA B 183 -12.99 -27.33 -10.54
N LEU B 185 -11.04 -24.03 -11.47
N LEU B 185 -10.97 -24.26 -11.48
CA LEU B 185 -9.78 -23.38 -11.08
CA LEU B 185 -9.67 -23.72 -11.13
C LEU B 185 -10.09 -21.99 -10.51
C LEU B 185 -9.78 -22.21 -11.04
N CYS B 186 -9.83 -21.82 -9.21
N CYS B 186 -9.85 -21.69 -9.81
CA CYS B 186 -10.08 -20.56 -8.47
CA CYS B 186 -9.82 -20.26 -9.45
C CYS B 186 -8.89 -20.22 -7.62
C CYS B 186 -9.03 -20.10 -8.14
N GLY B 187 -8.69 -18.92 -7.46
N GLY B 187 -8.69 -18.86 -7.75
CA GLY B 187 -7.84 -18.34 -6.43
CA GLY B 187 -7.85 -18.52 -6.60
C GLY B 187 -6.54 -17.86 -7.02
C GLY B 187 -6.50 -17.98 -7.06
N SER B 188 -5.60 -17.63 -6.15
CA SER B 188 -4.28 -17.10 -6.50
C SER B 188 -3.29 -18.22 -6.36
N PRO B 189 -2.43 -18.49 -7.36
CA PRO B 189 -1.57 -19.67 -7.34
C PRO B 189 -0.82 -19.94 -6.04
N MET B 190 -0.21 -18.95 -5.41
CA MET B 190 0.63 -19.23 -4.23
C MET B 190 -0.24 -19.59 -3.02
N TYR B 191 -1.55 -19.34 -3.10
CA TYR B 191 -2.47 -19.56 -1.98
C TYR B 191 -3.46 -20.71 -2.27
N MET B 192 -3.43 -21.27 -3.45
CA MET B 192 -4.34 -22.36 -3.91
CA MET B 192 -4.41 -22.34 -3.77
C MET B 192 -3.82 -23.71 -3.40
N ALA B 193 -4.70 -24.56 -2.96
CA ALA B 193 -4.31 -25.91 -2.52
C ALA B 193 -3.75 -26.66 -3.72
N PRO B 194 -2.82 -27.59 -3.50
CA PRO B 194 -2.25 -28.36 -4.60
C PRO B 194 -3.32 -28.99 -5.49
N GLU B 195 -4.34 -29.58 -4.89
CA GLU B 195 -5.42 -30.24 -5.66
C GLU B 195 -6.12 -29.21 -6.57
N VAL B 196 -6.18 -27.95 -6.17
CA VAL B 196 -6.80 -26.92 -7.05
C VAL B 196 -5.88 -26.65 -8.23
N ILE B 197 -4.61 -26.38 -7.98
CA ILE B 197 -3.69 -25.99 -9.08
C ILE B 197 -3.43 -27.17 -10.00
N MET B 198 -3.60 -28.38 -9.49
CA MET B 198 -3.40 -29.62 -10.26
C MET B 198 -4.70 -30.01 -11.00
N SER B 199 -5.73 -29.16 -10.95
CA SER B 199 -6.99 -29.40 -11.69
C SER B 199 -7.68 -30.65 -11.16
N GLN B 200 -7.59 -30.90 -9.87
CA GLN B 200 -8.26 -32.03 -9.24
C GLN B 200 -9.54 -31.54 -8.56
N HIS B 201 -10.32 -32.47 -8.07
CA HIS B 201 -11.51 -32.18 -7.26
C HIS B 201 -11.09 -31.73 -5.86
N TYR B 202 -11.84 -30.84 -5.25
CA TYR B 202 -11.50 -30.29 -3.93
C TYR B 202 -12.78 -29.92 -3.21
N ASP B 203 -12.66 -29.64 -1.94
CA ASP B 203 -13.79 -29.11 -1.15
C ASP B 203 -13.27 -28.06 -0.18
N GLY B 204 -13.93 -27.91 0.97
CA GLY B 204 -13.59 -26.83 1.88
C GLY B 204 -12.18 -27.02 2.44
N LYS B 205 -11.57 -28.20 2.34
CA LYS B 205 -10.18 -28.38 2.79
C LYS B 205 -9.23 -27.53 1.94
N ALA B 206 -9.60 -27.14 0.73
CA ALA B 206 -8.74 -26.24 -0.08
C ALA B 206 -8.67 -24.86 0.59
N ASP B 207 -9.77 -24.39 1.19
CA ASP B 207 -9.76 -23.11 1.93
C ASP B 207 -8.83 -23.26 3.15
N LEU B 208 -8.84 -24.43 3.80
CA LEU B 208 -7.98 -24.67 4.98
C LEU B 208 -6.51 -24.58 4.57
N TRP B 209 -6.15 -25.13 3.44
CA TRP B 209 -4.80 -24.95 2.89
C TRP B 209 -4.49 -23.47 2.73
N SER B 210 -5.41 -22.70 2.13
CA SER B 210 -5.15 -21.26 1.88
C SER B 210 -4.93 -20.57 3.22
N ILE B 211 -5.72 -20.90 4.23
CA ILE B 211 -5.54 -20.30 5.59
C ILE B 211 -4.15 -20.68 6.11
N GLY B 212 -3.71 -21.93 5.95
CA GLY B 212 -2.33 -22.32 6.27
C GLY B 212 -1.29 -21.42 5.59
N THR B 213 -1.46 -21.13 4.32
CA THR B 213 -0.50 -20.28 3.57
C THR B 213 -0.52 -18.85 4.12
N ILE B 214 -1.67 -18.35 4.50
CA ILE B 214 -1.82 -16.99 5.08
C ILE B 214 -1.11 -16.93 6.45
N VAL B 215 -1.35 -17.92 7.31
CA VAL B 215 -0.73 -17.98 8.64
C VAL B 215 0.78 -18.07 8.45
N TYR B 216 1.24 -18.89 7.52
CA TYR B 216 2.67 -19.06 7.24
C TYR B 216 3.28 -17.72 6.82
N GLN B 217 2.56 -17.02 5.94
CA GLN B 217 3.04 -15.68 5.48
C GLN B 217 3.07 -14.70 6.65
N CYS B 218 2.13 -14.74 7.58
CA CYS B 218 2.13 -13.88 8.80
C CYS B 218 3.41 -14.16 9.61
N LEU B 219 3.77 -15.42 9.69
CA LEU B 219 4.87 -15.87 10.53
C LEU B 219 6.22 -15.54 9.89
N THR B 220 6.35 -15.59 8.57
CA THR B 220 7.65 -15.57 7.88
C THR B 220 7.80 -14.35 6.99
N GLY B 221 6.71 -13.73 6.58
CA GLY B 221 6.71 -12.68 5.57
C GLY B 221 6.73 -13.18 4.14
N LYS B 222 6.68 -14.50 3.88
CA LYS B 222 6.63 -15.00 2.50
C LYS B 222 5.60 -16.14 2.41
N ALA B 223 5.16 -16.41 1.22
CA ALA B 223 4.32 -17.59 0.94
C ALA B 223 5.22 -18.82 1.08
N PRO B 224 4.65 -19.96 1.49
CA PRO B 224 5.47 -21.14 1.78
C PRO B 224 6.11 -21.80 0.55
N PHE B 225 5.44 -21.78 -0.62
CA PHE B 225 5.88 -22.51 -1.82
C PHE B 225 5.87 -21.56 -3.00
N GLN B 226 7.06 -21.11 -3.36
CA GLN B 226 7.24 -20.08 -4.41
C GLN B 226 7.88 -20.75 -5.63
N ALA B 227 7.56 -20.24 -6.81
CA ALA B 227 8.05 -20.77 -8.10
C ALA B 227 8.04 -19.63 -9.12
N SER B 228 8.75 -19.78 -10.24
CA SER B 228 8.88 -18.73 -11.29
C SER B 228 7.51 -18.37 -11.87
N SER B 229 6.55 -19.31 -11.85
CA SER B 229 5.24 -19.19 -12.52
C SER B 229 4.24 -20.16 -11.91
N PRO B 230 2.92 -19.96 -12.13
CA PRO B 230 1.92 -20.95 -11.76
C PRO B 230 2.22 -22.34 -12.34
N GLN B 231 2.65 -22.44 -13.60
CA GLN B 231 2.95 -23.75 -14.23
C GLN B 231 4.12 -24.41 -13.48
N ASP B 232 5.11 -23.63 -13.08
CA ASP B 232 6.27 -24.15 -12.30
C ASP B 232 5.79 -24.62 -10.93
N LEU B 233 4.85 -23.90 -10.30
CA LEU B 233 4.36 -24.28 -8.96
C LEU B 233 3.56 -25.59 -9.10
N ARG B 234 2.73 -25.68 -10.13
CA ARG B 234 1.96 -26.92 -10.41
C ARG B 234 2.96 -28.08 -10.55
N LEU B 235 4.02 -27.92 -11.35
CA LEU B 235 5.02 -28.99 -11.58
C LEU B 235 5.69 -29.36 -10.25
N PHE B 236 6.06 -28.38 -9.44
CA PHE B 236 6.63 -28.57 -8.08
C PHE B 236 5.70 -29.46 -7.25
N TYR B 237 4.39 -29.13 -7.19
CA TYR B 237 3.42 -29.94 -6.44
C TYR B 237 3.30 -31.33 -7.06
N GLU B 238 3.27 -31.42 -8.38
CA GLU B 238 3.13 -32.74 -9.08
C GLU B 238 4.33 -33.61 -8.68
N LYS B 239 5.52 -33.01 -8.61
CA LYS B 239 6.81 -33.76 -8.45
C LYS B 239 7.08 -34.07 -6.98
N ASN B 240 6.52 -33.31 -6.04
CA ASN B 240 6.86 -33.45 -4.60
C ASN B 240 5.64 -34.00 -3.85
N LYS B 241 5.67 -35.27 -3.46
CA LYS B 241 4.51 -35.99 -2.87
C LYS B 241 4.36 -35.63 -1.38
N THR B 242 5.43 -35.11 -0.79
CA THR B 242 5.43 -34.52 0.55
C THR B 242 5.87 -33.06 0.37
N LEU B 243 5.16 -32.14 1.00
CA LEU B 243 5.50 -30.70 0.97
C LEU B 243 5.75 -30.28 2.39
N VAL B 244 6.97 -29.84 2.72
CA VAL B 244 7.24 -29.30 4.07
C VAL B 244 7.74 -27.86 3.93
N PRO B 245 6.97 -26.91 4.44
CA PRO B 245 7.35 -25.51 4.40
C PRO B 245 8.50 -25.28 5.37
N THR B 246 9.36 -24.31 5.09
CA THR B 246 10.48 -23.94 5.98
C THR B 246 9.89 -23.06 7.08
N ILE B 247 9.82 -23.56 8.30
CA ILE B 247 9.23 -22.80 9.44
C ILE B 247 10.38 -22.38 10.35
N PRO B 248 10.43 -21.12 10.80
CA PRO B 248 11.48 -20.65 11.72
C PRO B 248 11.60 -21.56 12.95
N ARG B 249 12.83 -21.85 13.37
CA ARG B 249 13.05 -22.82 14.48
C ARG B 249 12.39 -22.35 15.78
N GLU B 250 12.21 -21.05 15.99
CA GLU B 250 11.70 -20.45 17.25
CA GLU B 250 11.71 -20.61 17.32
C GLU B 250 10.17 -20.62 17.35
N THR B 251 9.51 -21.00 16.26
CA THR B 251 8.05 -21.11 16.22
C THR B 251 7.58 -22.10 17.31
N SER B 252 6.52 -21.76 18.04
CA SER B 252 5.97 -22.67 19.07
C SER B 252 5.55 -23.97 18.40
N ALA B 253 5.65 -25.07 19.13
CA ALA B 253 5.30 -26.38 18.56
C ALA B 253 3.82 -26.42 18.17
N PRO B 254 2.87 -25.88 18.96
CA PRO B 254 1.46 -25.92 18.54
C PRO B 254 1.21 -25.14 17.24
N LEU B 255 1.88 -24.01 17.03
CA LEU B 255 1.70 -23.28 15.76
C LEU B 255 2.35 -24.05 14.62
N ARG B 256 3.53 -24.61 14.85
CA ARG B 256 4.20 -25.37 13.79
C ARG B 256 3.28 -26.53 13.42
N GLN B 257 2.69 -27.22 14.40
CA GLN B 257 1.84 -28.39 14.11
C GLN B 257 0.61 -27.95 13.34
N LEU B 258 0.01 -26.84 13.72
CA LEU B 258 -1.14 -26.26 12.99
C LEU B 258 -0.72 -26.03 11.52
N LEU B 259 0.39 -25.39 11.29
CA LEU B 259 0.90 -25.12 9.92
C LEU B 259 1.12 -26.41 9.16
N LEU B 260 1.79 -27.38 9.75
CA LEU B 260 2.11 -28.62 9.03
C LEU B 260 0.83 -29.40 8.69
N ALA B 261 -0.18 -29.35 9.55
CA ALA B 261 -1.45 -30.08 9.39
C ALA B 261 -2.35 -29.35 8.37
N LEU B 262 -2.25 -28.03 8.28
CA LEU B 262 -2.99 -27.28 7.24
C LEU B 262 -2.28 -27.47 5.90
N LEU B 263 -0.95 -27.44 5.89
CA LEU B 263 -0.19 -27.50 4.62
C LEU B 263 0.17 -28.93 4.26
N GLN B 264 -0.78 -29.83 4.40
CA GLN B 264 -0.64 -31.21 3.89
C GLN B 264 -0.95 -31.20 2.41
N ARG B 265 -0.04 -31.71 1.60
CA ARG B 265 -0.22 -31.73 0.13
C ARG B 265 -1.51 -32.45 -0.22
N ASN B 266 -1.75 -33.58 0.42
CA ASN B 266 -2.88 -34.46 0.05
C ASN B 266 -4.05 -34.17 0.99
N HIS B 267 -5.22 -33.84 0.41
CA HIS B 267 -6.35 -33.33 1.23
C HIS B 267 -6.76 -34.41 2.22
N LYS B 268 -6.54 -35.69 1.90
CA LYS B 268 -6.94 -36.77 2.85
C LYS B 268 -6.17 -36.62 4.17
N ASP B 269 -4.93 -36.15 4.12
CA ASP B 269 -4.06 -36.01 5.32
C ASP B 269 -4.30 -34.64 5.98
N ARG B 270 -4.93 -33.72 5.31
CA ARG B 270 -4.98 -32.33 5.78
C ARG B 270 -5.98 -32.19 6.93
N MET B 271 -5.70 -31.30 7.84
CA MET B 271 -6.62 -30.90 8.93
C MET B 271 -8.04 -30.67 8.36
N ASP B 272 -9.07 -31.17 9.06
CA ASP B 272 -10.47 -30.86 8.68
C ASP B 272 -11.00 -29.71 9.55
N PHE B 273 -12.22 -29.27 9.29
CA PHE B 273 -12.74 -28.05 9.93
C PHE B 273 -12.83 -28.20 11.43
N ASP B 274 -13.36 -29.33 11.90
CA ASP B 274 -13.56 -29.56 13.36
C ASP B 274 -12.20 -29.44 14.05
N GLU B 275 -11.17 -30.04 13.45
CA GLU B 275 -9.79 -30.03 13.99
C GLU B 275 -9.27 -28.61 13.99
N PHE B 276 -9.54 -27.85 12.94
CA PHE B 276 -9.09 -26.44 12.81
C PHE B 276 -9.77 -25.61 13.90
N PHE B 277 -11.10 -25.66 13.98
CA PHE B 277 -11.85 -24.81 14.90
C PHE B 277 -11.45 -25.12 16.36
N HIS B 278 -11.13 -26.36 16.68
CA HIS B 278 -10.81 -26.76 18.07
C HIS B 278 -9.30 -26.87 18.29
N HIS B 279 -8.50 -26.31 17.38
CA HIS B 279 -7.04 -26.43 17.49
C HIS B 279 -6.59 -25.65 18.71
N PRO B 280 -5.68 -26.21 19.52
CA PRO B 280 -5.28 -25.53 20.74
C PRO B 280 -4.60 -24.18 20.51
N PHE B 281 -3.97 -23.96 19.36
CA PHE B 281 -3.38 -22.64 19.01
C PHE B 281 -4.49 -21.57 19.04
N LEU B 282 -5.72 -21.94 18.72
CA LEU B 282 -6.86 -20.99 18.68
C LEU B 282 -7.53 -20.79 20.04
N ASP B 283 -7.19 -21.58 21.06
CA ASP B 283 -8.12 -21.76 22.22
C ASP B 283 -7.82 -20.76 23.36
N ALA B 284 -8.27 -19.51 23.14
CA ALA B 284 -8.38 -18.38 24.12
C ALA B 284 -7.00 -17.77 24.38
#